data_4P09
#
_entry.id   4P09
#
_cell.length_a   47.920
_cell.length_b   47.920
_cell.length_c   152.710
_cell.angle_alpha   90.000
_cell.angle_beta   90.000
_cell.angle_gamma   90.000
#
_symmetry.space_group_name_H-M   'P 41 21 2'
#
loop_
_entity.id
_entity.type
_entity.pdbx_description
1 polymer 'E3 ubiquitin-protein ligase RNF31'
2 water water
#
_entity_poly.entity_id   1
_entity_poly.type   'polypeptide(L)'
_entity_poly.pdbx_seq_one_letter_code
;GPLGSMPGEEEERAFLVAREELASALRRDSGQAFSLEQLRPLLASSLPLAARYLQLDAARLVRCNAHGEPRNYLNTLSTA
LNILEKYGRNLLSPQRPRYWRGVKFNNPVFRSTVDAVQGGRDVLRLYGYTEEQPDGLSFPEGQEEPDEHQVATVTLEVLL
LRTELSLLLQNTHPRQQALEQLLE
;
_entity_poly.pdbx_strand_id   A
#
# COMPACT_ATOMS: atom_id res chain seq x y z
N PRO A 7 4.15 6.71 23.94
CA PRO A 7 3.93 7.41 22.67
C PRO A 7 3.13 8.71 22.89
N GLY A 8 3.71 9.86 22.55
CA GLY A 8 3.14 11.13 22.99
C GLY A 8 2.00 11.74 22.19
N GLU A 9 1.32 12.71 22.80
CA GLU A 9 0.27 13.46 22.13
C GLU A 9 0.80 14.10 20.86
N GLU A 10 1.94 14.75 20.93
CA GLU A 10 2.45 15.37 19.70
C GLU A 10 2.74 14.40 18.56
N GLU A 11 3.24 13.20 18.88
CA GLU A 11 3.50 12.24 17.80
C GLU A 11 2.22 11.75 17.18
N GLU A 12 1.20 11.58 18.02
CA GLU A 12 -0.07 11.04 17.50
C GLU A 12 -0.72 12.09 16.61
N ARG A 13 -0.66 13.35 17.04
CA ARG A 13 -1.22 14.41 16.24
C ARG A 13 -0.47 14.58 14.93
N ALA A 14 0.87 14.55 14.98
CA ALA A 14 1.63 14.68 13.73
C ALA A 14 1.31 13.60 12.75
N PHE A 15 1.08 12.39 13.29
CA PHE A 15 0.77 11.25 12.47
C PHE A 15 -0.51 11.51 11.69
N LEU A 16 -1.54 11.94 12.38
CA LEU A 16 -2.81 12.09 11.70
C LEU A 16 -2.77 13.28 10.73
N VAL A 17 -2.09 14.36 11.09
CA VAL A 17 -1.98 15.46 10.16
C VAL A 17 -1.30 15.04 8.87
N ALA A 18 -0.25 14.25 9.02
CA ALA A 18 0.46 13.73 7.83
C ALA A 18 -0.41 12.85 6.99
N ARG A 19 -1.13 11.93 7.63
CA ARG A 19 -2.00 11.06 6.90
C ARG A 19 -2.99 11.87 6.08
N GLU A 20 -3.58 12.92 6.69
CA GLU A 20 -4.59 13.68 5.97
C GLU A 20 -3.92 14.50 4.88
N GLU A 21 -2.76 15.10 5.16
CA GLU A 21 -2.13 15.94 4.16
C GLU A 21 -1.71 15.15 2.95
N LEU A 22 -1.12 14.00 3.17
CA LEU A 22 -0.58 13.23 2.05
C LEU A 22 -1.73 12.59 1.27
N ALA A 23 -2.80 12.13 1.95
CA ALA A 23 -3.95 11.60 1.21
C ALA A 23 -4.54 12.74 0.33
N SER A 24 -4.68 13.95 0.90
CA SER A 24 -5.13 15.08 0.09
C SER A 24 -4.25 15.40 -1.12
N ALA A 25 -2.94 15.32 -0.92
CA ALA A 25 -1.99 15.55 -2.00
C ALA A 25 -2.16 14.49 -3.08
N LEU A 26 -2.33 13.24 -2.69
CA LEU A 26 -2.57 12.19 -3.69
C LEU A 26 -3.85 12.43 -4.49
N ARG A 27 -4.91 12.94 -3.83
CA ARG A 27 -6.12 13.32 -4.58
C ARG A 27 -5.89 14.45 -5.55
N ARG A 28 -5.13 15.44 -5.13
CA ARG A 28 -4.83 16.61 -5.93
C ARG A 28 -3.91 16.28 -7.13
N ASP A 29 -2.91 15.44 -6.90
CA ASP A 29 -1.92 15.10 -7.97
C ASP A 29 -1.35 13.74 -7.63
N SER A 30 -1.99 12.71 -8.16
CA SER A 30 -1.69 11.36 -7.75
C SER A 30 -0.39 10.82 -8.30
N GLY A 31 0.29 11.59 -9.12
CA GLY A 31 1.55 11.09 -9.66
C GLY A 31 2.77 11.66 -8.92
N GLN A 32 2.58 12.53 -7.93
CA GLN A 32 3.74 13.24 -7.39
C GLN A 32 4.55 12.28 -6.52
N ALA A 33 5.86 12.53 -6.41
CA ALA A 33 6.65 11.68 -5.53
C ALA A 33 6.66 12.36 -4.17
N PHE A 34 6.81 11.54 -3.13
CA PHE A 34 6.89 12.06 -1.79
C PHE A 34 8.27 11.82 -1.21
N SER A 35 8.77 12.83 -0.50
CA SER A 35 10.05 12.71 0.18
C SER A 35 9.93 11.94 1.46
N LEU A 36 11.05 11.38 1.86
CA LEU A 36 11.19 10.80 3.21
C LEU A 36 10.82 11.83 4.30
N GLU A 37 11.20 13.11 4.06
CA GLU A 37 10.84 14.16 4.99
C GLU A 37 9.32 14.26 5.12
N GLN A 38 8.62 14.18 3.98
CA GLN A 38 7.15 14.22 4.10
C GLN A 38 6.59 13.00 4.76
N LEU A 39 7.25 11.84 4.53
CA LEU A 39 6.86 10.58 5.09
C LEU A 39 7.27 10.41 6.59
N ARG A 40 8.32 11.11 7.01
CA ARG A 40 8.76 11.08 8.45
C ARG A 40 7.64 10.94 9.49
N PRO A 41 6.65 11.85 9.51
CA PRO A 41 5.62 11.68 10.58
C PRO A 41 4.84 10.35 10.56
N LEU A 42 4.91 9.64 9.43
CA LEU A 42 4.31 8.36 9.30
C LEU A 42 5.40 7.26 9.48
N LEU A 43 6.68 7.59 9.28
CA LEU A 43 7.80 6.60 9.19
C LEU A 43 8.69 6.47 10.43
N ALA A 44 9.11 7.59 11.01
CA ALA A 44 9.94 7.52 12.21
C ALA A 44 9.14 7.75 13.50
N SER A 45 7.87 7.35 13.54
CA SER A 45 7.10 7.52 14.77
C SER A 45 7.14 6.28 15.64
N SER A 46 6.88 6.47 16.94
CA SER A 46 6.87 5.42 17.97
C SER A 46 5.48 4.79 18.10
N LEU A 47 4.59 5.15 17.20
CA LEU A 47 3.27 4.60 17.18
C LEU A 47 3.39 3.14 16.79
N PRO A 48 2.59 2.28 17.43
CA PRO A 48 2.52 0.85 17.11
C PRO A 48 1.97 0.58 15.72
N LEU A 49 2.34 -0.55 15.11
CA LEU A 49 1.85 -0.95 13.81
C LEU A 49 0.33 -0.91 13.62
N ALA A 50 -0.44 -1.34 14.62
CA ALA A 50 -1.90 -1.44 14.47
C ALA A 50 -2.53 -0.05 14.51
N ALA A 51 -1.72 0.91 14.89
CA ALA A 51 -2.19 2.26 15.03
C ALA A 51 -1.81 3.08 13.81
N ARG A 52 -0.82 2.62 13.04
CA ARG A 52 -0.33 3.37 11.88
C ARG A 52 -0.97 2.94 10.55
N TYR A 53 -1.39 1.69 10.45
CA TYR A 53 -2.02 1.20 9.26
C TYR A 53 -3.46 0.89 9.62
N LEU A 54 -4.37 1.69 9.06
CA LEU A 54 -5.79 1.62 9.41
C LEU A 54 -6.63 0.93 8.31
N GLN A 55 -6.09 0.83 7.11
CA GLN A 55 -6.78 0.17 6.00
C GLN A 55 -6.15 -1.19 5.75
N LEU A 56 -4.84 -1.20 5.48
CA LEU A 56 -4.08 -2.45 5.35
C LEU A 56 -3.82 -3.09 6.68
N ASP A 57 -3.88 -4.43 6.75
CA ASP A 57 -3.30 -5.13 7.91
C ASP A 57 -1.85 -5.40 7.55
N ALA A 58 -0.98 -4.41 7.80
CA ALA A 58 0.43 -4.53 7.41
C ALA A 58 1.13 -5.68 8.12
N ALA A 59 0.82 -5.90 9.40
CA ALA A 59 1.44 -7.02 10.10
C ALA A 59 1.13 -8.34 9.42
N ARG A 60 -0.12 -8.51 9.02
CA ARG A 60 -0.48 -9.75 8.35
C ARG A 60 0.15 -9.90 6.98
N LEU A 61 0.22 -8.80 6.20
CA LEU A 61 0.85 -8.85 4.90
C LEU A 61 2.27 -9.32 5.01
N VAL A 62 2.98 -8.84 6.03
CA VAL A 62 4.35 -9.29 6.21
C VAL A 62 4.35 -10.72 6.74
N ARG A 63 3.60 -10.98 7.82
CA ARG A 63 3.70 -12.28 8.53
C ARG A 63 3.34 -13.45 7.60
N CYS A 64 2.23 -13.33 6.87
N CYS A 64 2.24 -13.28 6.86
CA CYS A 64 1.84 -14.44 5.97
CA CYS A 64 1.82 -14.34 5.94
C CYS A 64 2.68 -14.57 4.72
C CYS A 64 2.73 -14.60 4.78
N ASN A 65 3.59 -13.65 4.47
CA ASN A 65 4.53 -13.84 3.38
C ASN A 65 5.97 -14.03 3.86
N ALA A 66 6.13 -14.22 5.18
CA ALA A 66 7.49 -14.30 5.76
C ALA A 66 8.08 -15.67 5.60
N HIS A 67 8.19 -16.08 4.34
CA HIS A 67 8.73 -17.39 3.92
C HIS A 67 10.19 -17.24 3.47
N GLY A 68 11.04 -18.03 4.12
CA GLY A 68 12.44 -18.08 3.72
C GLY A 68 13.15 -16.84 4.26
N GLU A 69 14.07 -16.34 3.46
CA GLU A 69 15.04 -15.36 3.92
C GLU A 69 14.43 -13.98 3.78
N PRO A 70 14.54 -13.15 4.85
CA PRO A 70 13.96 -11.80 4.73
C PRO A 70 14.46 -10.97 3.56
N ARG A 71 15.73 -11.13 3.16
CA ARG A 71 16.23 -10.35 2.02
C ARG A 71 15.46 -10.69 0.77
N ASN A 72 14.89 -11.91 0.72
CA ASN A 72 14.05 -12.25 -0.40
C ASN A 72 12.59 -11.88 -0.21
N TYR A 73 11.94 -12.24 0.90
CA TYR A 73 10.52 -12.00 0.96
C TYR A 73 10.18 -10.55 1.13
N LEU A 74 11.08 -9.76 1.69
CA LEU A 74 10.80 -8.31 1.76
C LEU A 74 10.86 -7.68 0.38
N ASN A 75 11.74 -8.20 -0.48
CA ASN A 75 11.79 -7.81 -1.89
C ASN A 75 10.51 -8.24 -2.64
N THR A 76 10.07 -9.47 -2.43
CA THR A 76 8.82 -9.93 -3.07
C THR A 76 7.64 -9.05 -2.67
N LEU A 77 7.56 -8.74 -1.39
CA LEU A 77 6.47 -7.86 -0.95
C LEU A 77 6.66 -6.48 -1.55
N SER A 78 7.89 -5.97 -1.58
CA SER A 78 8.07 -4.64 -2.18
C SER A 78 7.66 -4.54 -3.62
N THR A 79 8.00 -5.56 -4.39
CA THR A 79 7.60 -5.61 -5.79
C THR A 79 6.09 -5.63 -5.96
N ALA A 80 5.38 -6.36 -5.10
CA ALA A 80 3.93 -6.45 -5.21
C ALA A 80 3.34 -5.08 -4.82
N LEU A 81 3.92 -4.51 -3.75
CA LEU A 81 3.38 -3.25 -3.29
C LEU A 81 3.61 -2.17 -4.33
N ASN A 82 4.74 -2.18 -5.03
CA ASN A 82 4.97 -1.18 -6.08
C ASN A 82 3.82 -1.24 -7.09
N ILE A 83 3.48 -2.44 -7.58
CA ILE A 83 2.40 -2.50 -8.54
C ILE A 83 1.06 -2.11 -7.95
N LEU A 84 0.80 -2.53 -6.69
CA LEU A 84 -0.45 -2.14 -6.06
C LEU A 84 -0.52 -0.63 -5.90
N GLU A 85 0.61 0.03 -5.67
CA GLU A 85 0.60 1.49 -5.51
C GLU A 85 0.29 2.16 -6.84
N LYS A 86 0.74 1.60 -7.96
CA LYS A 86 0.40 2.15 -9.27
C LYS A 86 -1.09 1.99 -9.55
N TYR A 87 -1.73 0.88 -9.11
CA TYR A 87 -3.19 0.78 -9.30
C TYR A 87 -3.88 1.94 -8.61
N GLY A 88 -3.45 2.27 -7.38
CA GLY A 88 -4.14 3.34 -6.65
C GLY A 88 -3.88 4.69 -7.28
N ARG A 89 -2.62 4.94 -7.64
CA ARG A 89 -2.32 6.26 -8.28
C ARG A 89 -3.07 6.43 -9.58
N ASN A 90 -3.16 5.36 -10.37
CA ASN A 90 -3.91 5.44 -11.62
C ASN A 90 -5.42 5.74 -11.40
N LEU A 91 -6.01 5.18 -10.35
CA LEU A 91 -7.46 5.39 -10.09
C LEU A 91 -7.72 6.85 -9.74
N LEU A 92 -6.68 7.51 -9.20
CA LEU A 92 -6.85 8.92 -8.80
C LEU A 92 -6.49 9.91 -9.89
N SER A 93 -5.96 9.42 -11.00
CA SER A 93 -5.39 10.32 -12.03
C SER A 93 -6.47 11.05 -12.82
N PRO A 94 -6.21 12.33 -13.19
CA PRO A 94 -7.18 13.12 -13.96
C PRO A 94 -7.62 12.38 -15.22
N GLN A 95 -6.73 11.59 -15.81
CA GLN A 95 -7.19 10.62 -16.79
C GLN A 95 -6.82 9.20 -16.40
N ARG A 96 -7.81 8.45 -15.95
CA ARG A 96 -7.58 7.07 -15.53
C ARG A 96 -7.29 6.29 -16.80
N PRO A 97 -6.46 5.25 -16.69
CA PRO A 97 -6.16 4.41 -17.84
C PRO A 97 -7.46 3.80 -18.37
N ARG A 98 -7.48 3.42 -19.63
CA ARG A 98 -8.62 2.66 -20.06
C ARG A 98 -8.43 1.35 -19.34
N TYR A 99 -9.52 0.61 -19.24
CA TYR A 99 -9.54 -0.66 -18.55
C TYR A 99 -9.45 -0.53 -17.03
N TRP A 100 -9.59 0.69 -16.48
CA TRP A 100 -9.43 0.90 -15.05
C TRP A 100 -10.44 0.12 -14.21
N ARG A 101 -11.58 -0.25 -14.79
CA ARG A 101 -12.63 -0.82 -13.97
C ARG A 101 -12.38 -2.29 -13.58
N GLY A 102 -11.42 -2.96 -14.22
CA GLY A 102 -11.30 -4.39 -13.98
C GLY A 102 -9.84 -4.76 -13.90
N VAL A 103 -9.55 -5.81 -13.15
CA VAL A 103 -8.21 -6.41 -13.03
C VAL A 103 -8.35 -7.84 -13.51
N LYS A 104 -7.46 -8.27 -14.40
CA LYS A 104 -7.49 -9.64 -14.89
C LYS A 104 -6.30 -10.38 -14.25
N PHE A 105 -6.59 -11.49 -13.60
CA PHE A 105 -5.54 -12.24 -12.94
C PHE A 105 -4.67 -12.96 -13.98
N ASN A 106 -5.21 -13.24 -15.16
CA ASN A 106 -4.47 -14.00 -16.19
C ASN A 106 -3.66 -13.03 -17.01
N ASN A 107 -2.59 -12.56 -16.39
CA ASN A 107 -1.75 -11.52 -16.97
C ASN A 107 -0.35 -11.76 -16.43
N PRO A 108 0.65 -11.71 -17.29
CA PRO A 108 1.95 -12.19 -16.84
C PRO A 108 2.57 -11.31 -15.71
N VAL A 109 2.45 -10.00 -15.84
CA VAL A 109 2.94 -9.10 -14.80
C VAL A 109 2.21 -9.29 -13.51
N PHE A 110 0.91 -9.44 -13.59
CA PHE A 110 0.10 -9.63 -12.39
C PHE A 110 0.51 -10.91 -11.68
N ARG A 111 0.67 -11.98 -12.44
CA ARG A 111 1.11 -13.25 -11.85
C ARG A 111 2.43 -13.13 -11.13
N SER A 112 3.38 -12.36 -11.67
CA SER A 112 4.71 -12.31 -11.07
C SER A 112 4.88 -11.23 -10.02
N THR A 113 3.86 -10.43 -9.83
CA THR A 113 3.91 -9.35 -8.87
C THR A 113 2.86 -9.44 -7.76
N VAL A 114 1.68 -8.95 -8.01
CA VAL A 114 0.61 -8.96 -7.06
C VAL A 114 0.27 -10.37 -6.59
N ASP A 115 0.23 -11.34 -7.50
CA ASP A 115 -0.14 -12.67 -7.03
C ASP A 115 1.06 -13.46 -6.54
N ALA A 116 2.22 -12.83 -6.50
CA ALA A 116 3.37 -13.53 -5.89
C ALA A 116 3.33 -13.30 -4.36
N VAL A 117 2.35 -12.54 -3.88
CA VAL A 117 2.17 -12.45 -2.40
C VAL A 117 0.74 -12.73 -1.92
N GLN A 118 0.62 -13.42 -0.77
CA GLN A 118 -0.68 -13.69 -0.19
C GLN A 118 -1.26 -12.38 0.31
N GLY A 119 -2.50 -12.09 -0.09
CA GLY A 119 -3.10 -10.80 0.29
C GLY A 119 -3.08 -9.72 -0.79
N GLY A 120 -2.34 -9.96 -1.87
CA GLY A 120 -2.30 -9.06 -3.01
C GLY A 120 -3.68 -8.73 -3.55
N ARG A 121 -4.46 -9.75 -3.86
CA ARG A 121 -5.84 -9.50 -4.33
C ARG A 121 -6.70 -8.75 -3.32
N ASP A 122 -6.50 -8.97 -2.01
CA ASP A 122 -7.37 -8.28 -1.04
C ASP A 122 -7.08 -6.79 -1.00
N VAL A 123 -5.86 -6.41 -1.31
CA VAL A 123 -5.54 -4.98 -1.40
C VAL A 123 -6.30 -4.34 -2.55
N LEU A 124 -6.37 -5.02 -3.70
CA LEU A 124 -7.21 -4.50 -4.79
C LEU A 124 -8.67 -4.36 -4.37
N ARG A 125 -9.18 -5.32 -3.59
CA ARG A 125 -10.53 -5.16 -3.06
C ARG A 125 -10.74 -3.87 -2.28
N LEU A 126 -9.70 -3.47 -1.53
CA LEU A 126 -9.82 -2.27 -0.70
C LEU A 126 -9.93 -1.04 -1.57
N TYR A 127 -9.37 -1.11 -2.78
CA TYR A 127 -9.54 0.01 -3.71
C TYR A 127 -10.90 0.15 -4.27
N GLY A 128 -11.69 -0.94 -4.28
CA GLY A 128 -13.01 -0.87 -4.86
C GLY A 128 -13.23 -1.96 -5.88
N TYR A 129 -12.18 -2.78 -6.12
CA TYR A 129 -12.36 -3.90 -7.09
C TYR A 129 -13.04 -5.06 -6.34
N THR A 130 -14.34 -4.92 -6.07
CA THR A 130 -14.96 -5.82 -5.10
C THR A 130 -15.81 -6.91 -5.75
N GLU A 131 -16.10 -6.77 -7.05
CA GLU A 131 -16.97 -7.74 -7.73
C GLU A 131 -16.14 -8.86 -8.34
N GLU A 132 -16.41 -10.11 -7.92
CA GLU A 132 -15.69 -11.25 -8.46
C GLU A 132 -16.09 -11.47 -9.89
N GLN A 133 -15.12 -11.76 -10.75
CA GLN A 133 -15.34 -12.01 -12.18
C GLN A 133 -14.66 -13.33 -12.51
N PRO A 134 -15.03 -13.94 -13.65
CA PRO A 134 -14.51 -15.26 -13.97
C PRO A 134 -13.01 -15.29 -13.76
N ASP A 135 -12.27 -14.39 -14.40
CA ASP A 135 -10.84 -14.44 -14.19
C ASP A 135 -10.30 -13.13 -13.63
N GLY A 136 -10.90 -12.62 -12.54
CA GLY A 136 -10.35 -11.36 -12.03
C GLY A 136 -11.36 -10.66 -11.13
N LEU A 137 -11.26 -9.34 -11.01
CA LEU A 137 -12.09 -8.54 -10.08
C LEU A 137 -12.53 -7.30 -10.86
N SER A 138 -13.63 -6.69 -10.44
N SER A 138 -13.64 -6.70 -10.47
CA SER A 138 -14.02 -5.47 -11.12
CA SER A 138 -14.01 -5.46 -11.14
C SER A 138 -14.71 -4.56 -10.11
C SER A 138 -14.72 -4.57 -10.14
N PHE A 139 -14.80 -3.28 -10.44
CA PHE A 139 -15.73 -2.39 -9.74
C PHE A 139 -17.10 -2.88 -10.11
N PRO A 140 -18.05 -2.82 -9.18
CA PRO A 140 -19.42 -3.20 -9.53
C PRO A 140 -20.04 -2.23 -10.53
N GLU A 141 -20.93 -2.72 -11.36
CA GLU A 141 -21.52 -1.89 -12.41
C GLU A 141 -22.23 -0.66 -11.87
N GLY A 142 -22.88 -0.80 -10.72
CA GLY A 142 -23.56 0.35 -10.16
C GLY A 142 -22.64 1.45 -9.66
N GLN A 143 -21.34 1.20 -9.57
CA GLN A 143 -20.43 2.22 -9.07
C GLN A 143 -19.71 2.95 -10.24
N GLU A 144 -20.05 4.21 -10.47
CA GLU A 144 -19.55 4.94 -11.63
C GLU A 144 -18.09 5.35 -11.51
N GLU A 145 -17.69 5.77 -10.31
CA GLU A 145 -16.37 6.35 -10.07
C GLU A 145 -15.74 5.73 -8.85
N PRO A 146 -14.39 5.72 -8.81
CA PRO A 146 -13.79 5.31 -7.53
C PRO A 146 -14.12 6.32 -6.45
N ASP A 147 -14.08 5.83 -5.22
CA ASP A 147 -14.24 6.65 -4.01
C ASP A 147 -12.85 7.29 -3.74
N GLU A 148 -12.62 8.53 -4.14
CA GLU A 148 -11.23 9.11 -4.03
C GLU A 148 -10.65 9.09 -2.62
N HIS A 149 -11.48 9.29 -1.58
CA HIS A 149 -10.93 9.27 -0.21
C HIS A 149 -10.43 7.88 0.18
N GLN A 150 -11.23 6.87 -0.19
CA GLN A 150 -10.85 5.52 0.14
C GLN A 150 -9.61 5.15 -0.65
N VAL A 151 -9.61 5.43 -1.96
CA VAL A 151 -8.43 5.05 -2.79
C VAL A 151 -7.20 5.78 -2.29
N ALA A 152 -7.35 7.05 -1.96
CA ALA A 152 -6.14 7.78 -1.55
C ALA A 152 -5.56 7.23 -0.21
N THR A 153 -6.43 6.91 0.76
CA THR A 153 -5.89 6.42 2.03
C THR A 153 -5.26 5.04 1.84
N VAL A 154 -5.85 4.20 1.02
CA VAL A 154 -5.22 2.89 0.74
C VAL A 154 -3.89 3.05 0.01
N THR A 155 -3.85 3.92 -1.00
CA THR A 155 -2.63 4.15 -1.79
C THR A 155 -1.53 4.66 -0.85
N LEU A 156 -1.88 5.60 0.01
CA LEU A 156 -0.85 6.09 0.96
C LEU A 156 -0.33 4.98 1.88
N GLU A 157 -1.20 4.06 2.33
CA GLU A 157 -0.70 3.03 3.17
C GLU A 157 0.19 2.02 2.38
N VAL A 158 -0.21 1.74 1.15
CA VAL A 158 0.62 0.86 0.28
C VAL A 158 1.99 1.49 0.07
N LEU A 159 2.01 2.80 -0.20
CA LEU A 159 3.26 3.54 -0.37
C LEU A 159 4.09 3.51 0.94
N LEU A 160 3.43 3.74 2.06
CA LEU A 160 4.17 3.77 3.32
C LEU A 160 4.78 2.41 3.63
N LEU A 161 4.02 1.35 3.41
CA LEU A 161 4.54 0.03 3.77
C LEU A 161 5.68 -0.32 2.81
N ARG A 162 5.52 0.00 1.51
CA ARG A 162 6.63 -0.24 0.58
C ARG A 162 7.89 0.51 1.04
N THR A 163 7.68 1.74 1.53
CA THR A 163 8.77 2.59 1.98
C THR A 163 9.45 1.95 3.19
N GLU A 164 8.66 1.52 4.17
CA GLU A 164 9.28 0.88 5.34
C GLU A 164 10.06 -0.35 4.93
N LEU A 165 9.49 -1.17 4.03
CA LEU A 165 10.22 -2.40 3.64
C LEU A 165 11.49 -2.06 2.89
N SER A 166 11.42 -1.05 2.05
CA SER A 166 12.63 -0.59 1.34
C SER A 166 13.68 -0.08 2.34
N LEU A 167 13.25 0.67 3.36
CA LEU A 167 14.24 1.11 4.37
C LEU A 167 14.90 -0.10 5.05
N LEU A 168 14.11 -1.14 5.41
CA LEU A 168 14.69 -2.32 6.07
C LEU A 168 15.72 -3.00 5.13
N LEU A 169 15.37 -3.06 3.84
CA LEU A 169 16.29 -3.65 2.85
C LEU A 169 17.57 -2.81 2.68
N GLN A 170 17.47 -1.52 2.96
CA GLN A 170 18.64 -0.65 2.82
C GLN A 170 19.37 -0.56 4.17
N ASN A 171 18.96 -1.35 5.17
CA ASN A 171 19.58 -1.33 6.49
C ASN A 171 19.52 0.08 7.06
N THR A 172 18.40 0.78 6.82
CA THR A 172 18.32 2.21 7.21
C THR A 172 17.00 2.53 7.90
N HIS A 173 16.21 1.50 8.23
CA HIS A 173 14.97 1.77 8.96
C HIS A 173 15.28 2.38 10.33
N PRO A 174 14.51 3.39 10.71
CA PRO A 174 14.71 4.00 12.03
C PRO A 174 14.67 3.00 13.17
N ARG A 175 13.93 1.91 13.01
CA ARG A 175 13.83 0.82 14.00
C ARG A 175 14.38 -0.49 13.46
N GLN A 176 15.43 -0.38 12.64
CA GLN A 176 16.02 -1.54 11.97
C GLN A 176 16.32 -2.69 12.92
N GLN A 177 17.02 -2.42 14.04
CA GLN A 177 17.43 -3.52 14.95
C GLN A 177 16.22 -4.25 15.56
N ALA A 178 15.25 -3.47 16.03
CA ALA A 178 14.10 -4.04 16.71
C ALA A 178 13.28 -4.83 15.69
N LEU A 179 13.20 -4.27 14.50
CA LEU A 179 12.41 -4.90 13.41
C LEU A 179 13.08 -6.16 12.90
N GLU A 180 14.41 -6.14 12.74
CA GLU A 180 15.13 -7.36 12.39
C GLU A 180 14.98 -8.49 13.42
N GLN A 181 14.95 -8.15 14.70
CA GLN A 181 14.77 -9.21 15.71
C GLN A 181 13.42 -9.92 15.47
N LEU A 182 12.41 -9.17 15.03
CA LEU A 182 11.06 -9.72 14.86
C LEU A 182 11.03 -10.73 13.72
N LEU A 183 12.02 -10.65 12.84
CA LEU A 183 12.01 -11.51 11.67
C LEU A 183 12.88 -12.74 11.89
#